data_1UK6
#
_entry.id   1UK6
#
_cell.length_a   76.843
_cell.length_b   116.595
_cell.length_c   78.537
_cell.angle_alpha   90.00
_cell.angle_beta   90.00
_cell.angle_gamma   90.00
#
_symmetry.space_group_name_H-M   'C 2 2 21'
#
loop_
_entity.id
_entity.type
_entity.pdbx_description
1 polymer '2-hydroxy-6-oxo-7-methylocta-2,4-dienoate hydrolase'
2 non-polymer 'PROPANOIC ACID'
3 water water
#
_entity_poly.entity_id   1
_entity_poly.type   'polypeptide(L)'
_entity_poly.pdbx_seq_one_letter_code
;MANLEIGKSILAAGVLTNYHDVGEGQPVILIHGSGPGVSAYANWRLTIPALSKFYRVIAPDMVGFGFTDRPENYNYSKDS
WVDHIIGIMDALEIEKAHIVGNAFGGGLAIATALRYSERVDRMVLMGAAGTRFDVTEGLNAVWGYTPSIENMRNLLDIFA
YDRSLVTDELARLRYEASIQPGFQESFSSMFPEPRQRWIDALASSDEDIKTLPNETLIIHGREDQVVPLSSSLRLGELID
RAQLHVFGRCGHWTQIEQTDRFNRLVVEFFNEANTPKLVGRP
;
_entity_poly.pdbx_strand_id   A
#
# COMPACT_ATOMS: atom_id res chain seq x y z
N ASN A 3 -14.60 -15.33 -5.61
CA ASN A 3 -13.49 -14.32 -5.71
C ASN A 3 -12.88 -14.12 -4.32
N LEU A 4 -11.69 -14.67 -4.11
CA LEU A 4 -11.01 -14.55 -2.83
C LEU A 4 -10.63 -13.12 -2.47
N GLU A 5 -10.73 -12.20 -3.42
CA GLU A 5 -10.39 -10.80 -3.14
C GLU A 5 -11.51 -10.15 -2.33
N ILE A 6 -12.69 -10.78 -2.34
CA ILE A 6 -13.83 -10.28 -1.58
C ILE A 6 -13.76 -10.96 -0.22
N GLY A 7 -13.81 -10.16 0.84
CA GLY A 7 -13.74 -10.72 2.18
C GLY A 7 -15.02 -10.44 2.95
N LYS A 8 -14.90 -9.69 4.03
CA LYS A 8 -16.05 -9.32 4.84
C LYS A 8 -16.38 -7.86 4.54
N SER A 9 -17.53 -7.42 5.02
CA SER A 9 -17.98 -6.06 4.79
C SER A 9 -18.28 -5.34 6.09
N ILE A 10 -17.91 -4.07 6.17
CA ILE A 10 -18.18 -3.29 7.38
C ILE A 10 -18.27 -1.81 7.03
N LEU A 11 -19.15 -1.10 7.74
CA LEU A 11 -19.33 0.33 7.51
C LEU A 11 -18.21 1.06 8.23
N ALA A 12 -17.41 1.81 7.48
CA ALA A 12 -16.30 2.56 8.04
C ALA A 12 -16.28 3.97 7.47
N ALA A 13 -16.28 4.97 8.36
CA ALA A 13 -16.27 6.35 7.91
C ALA A 13 -17.39 6.59 6.89
N GLY A 14 -18.51 5.87 7.07
CA GLY A 14 -19.64 6.02 6.18
C GLY A 14 -19.53 5.31 4.85
N VAL A 15 -18.48 4.51 4.68
CA VAL A 15 -18.28 3.79 3.42
C VAL A 15 -18.31 2.27 3.63
N LEU A 16 -19.14 1.58 2.84
CA LEU A 16 -19.22 0.12 2.95
C LEU A 16 -17.85 -0.38 2.48
N THR A 17 -17.10 -0.96 3.40
CA THR A 17 -15.73 -1.40 3.13
C THR A 17 -15.47 -2.90 3.09
N ASN A 18 -14.78 -3.35 2.05
CA ASN A 18 -14.42 -4.75 1.92
C ASN A 18 -13.10 -4.93 2.66
N TYR A 19 -12.98 -6.02 3.42
CA TYR A 19 -11.74 -6.24 4.17
C TYR A 19 -11.52 -7.68 4.59
N HIS A 20 -10.28 -7.97 4.95
CA HIS A 20 -9.90 -9.29 5.40
C HIS A 20 -9.44 -9.14 6.84
N ASP A 21 -9.72 -10.15 7.66
CA ASP A 21 -9.39 -10.12 9.07
C ASP A 21 -8.99 -11.54 9.45
N VAL A 22 -7.69 -11.76 9.69
CA VAL A 22 -7.18 -13.08 10.02
C VAL A 22 -6.16 -13.05 11.16
N GLY A 23 -6.30 -13.97 12.11
CA GLY A 23 -5.38 -14.02 13.23
C GLY A 23 -5.91 -13.42 14.51
N GLU A 24 -5.11 -13.51 15.58
CA GLU A 24 -5.50 -12.97 16.87
C GLU A 24 -4.31 -12.31 17.55
N GLY A 25 -4.60 -11.41 18.50
CA GLY A 25 -3.53 -10.73 19.21
C GLY A 25 -3.37 -9.28 18.79
N GLN A 26 -2.13 -8.79 18.87
CA GLN A 26 -1.81 -7.41 18.50
C GLN A 26 -2.27 -7.13 17.08
N PRO A 27 -3.01 -6.03 16.87
CA PRO A 27 -3.47 -5.73 15.52
C PRO A 27 -2.42 -5.10 14.59
N VAL A 28 -2.50 -5.49 13.32
CA VAL A 28 -1.61 -4.99 12.28
C VAL A 28 -2.48 -4.65 11.06
N ILE A 29 -2.43 -3.42 10.60
CA ILE A 29 -3.21 -3.00 9.45
C ILE A 29 -2.31 -2.98 8.20
N LEU A 30 -2.73 -3.67 7.14
CA LEU A 30 -1.94 -3.69 5.91
C LEU A 30 -2.64 -2.80 4.88
N ILE A 31 -1.92 -1.82 4.34
CA ILE A 31 -2.51 -0.90 3.35
C ILE A 31 -1.89 -1.08 1.98
N HIS A 32 -2.70 -1.54 1.03
CA HIS A 32 -2.27 -1.82 -0.34
C HIS A 32 -1.82 -0.59 -1.16
N GLY A 33 -1.30 -0.87 -2.36
CA GLY A 33 -0.85 0.18 -3.25
C GLY A 33 -1.97 0.80 -4.07
N SER A 34 -1.63 1.47 -5.18
CA SER A 34 -2.65 2.13 -5.99
C SER A 34 -2.65 1.77 -7.48
N GLY A 35 -2.18 0.59 -7.83
CA GLY A 35 -2.17 0.21 -9.23
C GLY A 35 -3.55 -0.21 -9.70
N PRO A 36 -3.74 -0.40 -11.02
CA PRO A 36 -5.05 -0.81 -11.55
C PRO A 36 -5.45 -2.20 -11.11
N GLY A 37 -6.69 -2.34 -10.62
CA GLY A 37 -7.18 -3.63 -10.17
C GLY A 37 -6.68 -4.05 -8.79
N VAL A 38 -5.94 -3.18 -8.14
CA VAL A 38 -5.39 -3.48 -6.82
C VAL A 38 -6.46 -3.74 -5.75
N SER A 39 -6.14 -4.62 -4.82
CA SER A 39 -7.03 -4.94 -3.70
C SER A 39 -6.15 -5.39 -2.55
N ALA A 40 -6.68 -5.36 -1.33
CA ALA A 40 -5.92 -5.78 -0.17
C ALA A 40 -5.45 -7.23 -0.34
N TYR A 41 -6.32 -8.09 -0.85
CA TYR A 41 -5.96 -9.49 -1.03
C TYR A 41 -4.88 -9.68 -2.08
N ALA A 42 -5.03 -9.00 -3.22
CA ALA A 42 -4.06 -9.10 -4.29
C ALA A 42 -2.64 -8.74 -3.82
N ASN A 43 -2.54 -7.69 -3.02
CA ASN A 43 -1.24 -7.24 -2.51
C ASN A 43 -0.68 -8.07 -1.36
N TRP A 44 -1.55 -8.49 -0.45
CA TRP A 44 -1.10 -9.19 0.74
C TRP A 44 -1.39 -10.68 0.93
N ARG A 45 -1.87 -11.36 -0.11
CA ARG A 45 -2.18 -12.79 -0.01
C ARG A 45 -1.04 -13.67 0.48
N LEU A 46 0.20 -13.28 0.18
CA LEU A 46 1.36 -14.06 0.61
C LEU A 46 1.95 -13.55 1.91
N THR A 47 1.37 -12.46 2.41
CA THR A 47 1.85 -11.84 3.65
C THR A 47 0.99 -12.18 4.86
N ILE A 48 -0.32 -12.15 4.66
CA ILE A 48 -1.27 -12.44 5.73
C ILE A 48 -1.07 -13.79 6.43
N PRO A 49 -0.94 -14.87 5.66
CA PRO A 49 -0.74 -16.19 6.27
C PRO A 49 0.42 -16.26 7.27
N ALA A 50 1.53 -15.63 6.93
CA ALA A 50 2.70 -15.62 7.80
C ALA A 50 2.49 -14.76 9.04
N LEU A 51 2.02 -13.53 8.85
CA LEU A 51 1.80 -12.62 9.98
C LEU A 51 0.65 -13.04 10.91
N SER A 52 -0.39 -13.63 10.33
CA SER A 52 -1.56 -14.04 11.09
C SER A 52 -1.30 -15.13 12.12
N LYS A 53 -0.11 -15.73 12.07
CA LYS A 53 0.23 -16.78 13.02
C LYS A 53 0.61 -16.15 14.37
N PHE A 54 0.94 -14.86 14.34
CA PHE A 54 1.35 -14.16 15.55
C PHE A 54 0.59 -12.86 15.81
N TYR A 55 -0.15 -12.39 14.82
CA TYR A 55 -0.90 -11.14 14.95
C TYR A 55 -2.28 -11.20 14.34
N ARG A 56 -3.10 -10.21 14.67
CA ARG A 56 -4.43 -10.12 14.07
C ARG A 56 -4.18 -9.21 12.87
N VAL A 57 -4.33 -9.75 11.68
CA VAL A 57 -4.07 -8.98 10.47
C VAL A 57 -5.33 -8.46 9.79
N ILE A 58 -5.39 -7.14 9.63
CA ILE A 58 -6.53 -6.50 8.99
C ILE A 58 -6.04 -5.86 7.69
N ALA A 59 -6.66 -6.24 6.58
CA ALA A 59 -6.29 -5.72 5.27
C ALA A 59 -7.54 -5.27 4.53
N PRO A 60 -7.82 -3.96 4.54
CA PRO A 60 -9.01 -3.41 3.89
C PRO A 60 -8.74 -2.82 2.50
N ASP A 61 -9.78 -2.73 1.69
CA ASP A 61 -9.67 -2.11 0.37
C ASP A 61 -9.98 -0.63 0.61
N MET A 62 -9.02 0.23 0.31
CA MET A 62 -9.21 1.67 0.51
C MET A 62 -10.32 2.20 -0.38
N VAL A 63 -11.09 3.16 0.11
CA VAL A 63 -12.18 3.72 -0.68
C VAL A 63 -11.64 4.18 -2.04
N GLY A 64 -12.30 3.73 -3.11
CA GLY A 64 -11.89 4.07 -4.46
C GLY A 64 -11.14 2.92 -5.11
N PHE A 65 -10.84 1.89 -4.32
CA PHE A 65 -10.10 0.72 -4.79
C PHE A 65 -10.76 -0.59 -4.38
N GLY A 66 -10.39 -1.67 -5.05
CA GLY A 66 -10.92 -2.98 -4.74
C GLY A 66 -12.44 -3.09 -4.73
N PHE A 67 -12.95 -3.84 -3.77
CA PHE A 67 -14.38 -4.05 -3.66
C PHE A 67 -15.11 -3.20 -2.62
N THR A 68 -14.43 -2.16 -2.15
CA THR A 68 -15.05 -1.25 -1.21
C THR A 68 -15.93 -0.34 -2.07
N ASP A 69 -16.98 0.22 -1.48
CA ASP A 69 -17.88 1.09 -2.22
C ASP A 69 -17.15 2.32 -2.76
N ARG A 70 -17.60 2.80 -3.92
CA ARG A 70 -17.03 3.99 -4.53
C ARG A 70 -18.17 5.01 -4.53
N PRO A 71 -18.33 5.75 -3.42
CA PRO A 71 -19.38 6.76 -3.28
C PRO A 71 -19.45 7.77 -4.41
N GLU A 72 -20.66 7.99 -4.91
CA GLU A 72 -20.88 8.93 -5.99
C GLU A 72 -20.39 10.31 -5.57
N ASN A 73 -19.64 10.97 -6.45
CA ASN A 73 -19.11 12.30 -6.17
C ASN A 73 -18.23 12.34 -4.92
N TYR A 74 -17.61 11.21 -4.59
CA TYR A 74 -16.74 11.14 -3.42
C TYR A 74 -15.50 12.00 -3.68
N ASN A 75 -15.03 12.69 -2.64
CA ASN A 75 -13.84 13.53 -2.76
C ASN A 75 -12.62 12.83 -2.22
N TYR A 76 -11.84 12.23 -3.12
CA TYR A 76 -10.63 11.52 -2.76
C TYR A 76 -9.48 12.46 -2.43
N SER A 77 -8.79 12.17 -1.33
CA SER A 77 -7.66 12.99 -0.90
C SER A 77 -6.88 12.25 0.18
N LYS A 78 -5.68 12.72 0.46
CA LYS A 78 -4.86 12.12 1.50
C LYS A 78 -5.63 12.11 2.82
N ASP A 79 -6.25 13.23 3.16
CA ASP A 79 -6.98 13.31 4.42
C ASP A 79 -8.22 12.42 4.46
N SER A 80 -8.90 12.28 3.32
CA SER A 80 -10.08 11.42 3.26
C SER A 80 -9.68 9.95 3.42
N TRP A 81 -8.55 9.57 2.83
CA TRP A 81 -8.08 8.20 2.95
C TRP A 81 -7.63 7.93 4.38
N VAL A 82 -7.00 8.91 5.01
CA VAL A 82 -6.57 8.76 6.39
C VAL A 82 -7.84 8.57 7.22
N ASP A 83 -8.88 9.34 6.89
CA ASP A 83 -10.15 9.23 7.61
C ASP A 83 -10.77 7.85 7.44
N HIS A 84 -10.56 7.25 6.26
CA HIS A 84 -11.10 5.92 6.01
C HIS A 84 -10.38 4.90 6.89
N ILE A 85 -9.05 5.00 6.93
CA ILE A 85 -8.25 4.10 7.75
C ILE A 85 -8.69 4.17 9.21
N ILE A 86 -8.82 5.38 9.73
CA ILE A 86 -9.24 5.58 11.11
C ILE A 86 -10.66 5.06 11.31
N GLY A 87 -11.51 5.26 10.30
CA GLY A 87 -12.88 4.80 10.39
C GLY A 87 -12.93 3.28 10.46
N ILE A 88 -12.00 2.63 9.76
CA ILE A 88 -11.93 1.16 9.77
C ILE A 88 -11.47 0.69 11.15
N MET A 89 -10.47 1.35 11.71
CA MET A 89 -9.97 0.98 13.03
C MET A 89 -11.07 1.19 14.07
N ASP A 90 -11.76 2.33 13.98
CA ASP A 90 -12.84 2.64 14.91
C ASP A 90 -13.92 1.56 14.83
N ALA A 91 -14.31 1.23 13.60
CA ALA A 91 -15.35 0.23 13.35
C ALA A 91 -15.01 -1.13 13.96
N LEU A 92 -13.73 -1.48 13.97
CA LEU A 92 -13.28 -2.76 14.50
C LEU A 92 -12.75 -2.68 15.93
N GLU A 93 -12.93 -1.54 16.57
CA GLU A 93 -12.47 -1.32 17.94
C GLU A 93 -10.96 -1.51 18.07
N ILE A 94 -10.24 -1.16 17.01
CA ILE A 94 -8.77 -1.25 17.00
C ILE A 94 -8.28 0.10 17.52
N GLU A 95 -7.88 0.13 18.79
CA GLU A 95 -7.43 1.37 19.41
C GLU A 95 -6.03 1.81 19.01
N LYS A 96 -5.12 0.87 18.85
CA LYS A 96 -3.76 1.18 18.42
C LYS A 96 -3.26 -0.01 17.64
N ALA A 97 -2.55 0.23 16.54
CA ALA A 97 -2.07 -0.87 15.74
C ALA A 97 -0.80 -0.52 14.96
N HIS A 98 -0.10 -1.57 14.52
CA HIS A 98 1.09 -1.39 13.70
C HIS A 98 0.50 -1.23 12.31
N ILE A 99 1.22 -0.56 11.42
CA ILE A 99 0.73 -0.39 10.05
C ILE A 99 1.82 -0.69 9.04
N VAL A 100 1.46 -1.43 8.00
CA VAL A 100 2.37 -1.80 6.92
C VAL A 100 1.75 -1.16 5.68
N GLY A 101 2.50 -0.27 5.03
CA GLY A 101 1.98 0.41 3.85
C GLY A 101 2.80 0.20 2.60
N ASN A 102 2.13 -0.20 1.52
CA ASN A 102 2.79 -0.42 0.25
C ASN A 102 2.62 0.80 -0.64
N ALA A 103 3.74 1.46 -0.95
CA ALA A 103 3.76 2.62 -1.82
C ALA A 103 2.69 3.64 -1.41
N PHE A 104 1.62 3.71 -2.21
CA PHE A 104 0.50 4.59 -1.93
C PHE A 104 0.12 4.44 -0.46
N GLY A 105 -0.05 3.20 -0.03
CA GLY A 105 -0.41 2.90 1.35
C GLY A 105 0.63 3.34 2.36
N GLY A 106 1.89 3.39 1.95
CA GLY A 106 2.94 3.84 2.84
C GLY A 106 2.78 5.32 3.06
N GLY A 107 2.39 6.04 2.02
CA GLY A 107 2.18 7.47 2.16
C GLY A 107 1.03 7.71 3.14
N LEU A 108 -0.02 6.90 3.02
CA LEU A 108 -1.17 7.01 3.92
C LEU A 108 -0.78 6.64 5.35
N ALA A 109 0.10 5.66 5.48
CA ALA A 109 0.55 5.23 6.80
C ALA A 109 1.22 6.42 7.51
N ILE A 110 2.14 7.08 6.80
CA ILE A 110 2.83 8.23 7.37
C ILE A 110 1.84 9.32 7.77
N ALA A 111 0.92 9.64 6.87
CA ALA A 111 -0.08 10.68 7.12
C ALA A 111 -0.96 10.35 8.32
N THR A 112 -1.32 9.08 8.48
CA THR A 112 -2.15 8.66 9.59
C THR A 112 -1.37 8.79 10.90
N ALA A 113 -0.10 8.43 10.89
CA ALA A 113 0.74 8.50 12.07
C ALA A 113 0.95 9.96 12.51
N LEU A 114 0.91 10.88 11.56
CA LEU A 114 1.09 12.30 11.85
C LEU A 114 -0.18 12.92 12.43
N ARG A 115 -1.34 12.53 11.91
CA ARG A 115 -2.61 13.09 12.37
C ARG A 115 -3.20 12.33 13.56
N TYR A 116 -2.85 11.06 13.70
CA TYR A 116 -3.37 10.22 14.78
C TYR A 116 -2.25 9.43 15.44
N SER A 117 -1.22 10.13 15.89
CA SER A 117 -0.07 9.49 16.50
C SER A 117 -0.42 8.44 17.55
N GLU A 118 -1.44 8.71 18.36
CA GLU A 118 -1.84 7.78 19.41
C GLU A 118 -2.42 6.46 18.90
N ARG A 119 -2.89 6.46 17.65
CA ARG A 119 -3.48 5.25 17.07
C ARG A 119 -2.48 4.35 16.35
N VAL A 120 -1.27 4.85 16.11
CA VAL A 120 -0.27 4.07 15.38
C VAL A 120 0.94 3.71 16.24
N ASP A 121 1.33 2.44 16.19
CA ASP A 121 2.49 1.99 16.94
C ASP A 121 3.68 1.93 16.00
N ARG A 122 4.04 0.73 15.55
CA ARG A 122 5.17 0.58 14.63
C ARG A 122 4.71 0.64 13.18
N MET A 123 5.60 1.11 12.30
CA MET A 123 5.29 1.21 10.88
C MET A 123 6.31 0.50 9.99
N VAL A 124 5.82 -0.04 8.88
CA VAL A 124 6.66 -0.67 7.89
C VAL A 124 6.26 0.05 6.61
N LEU A 125 7.22 0.75 6.00
CA LEU A 125 6.94 1.50 4.78
C LEU A 125 7.70 0.81 3.66
N MET A 126 6.95 0.25 2.72
CA MET A 126 7.52 -0.49 1.60
C MET A 126 7.39 0.24 0.26
N GLY A 127 8.52 0.63 -0.32
CA GLY A 127 8.50 1.37 -1.59
C GLY A 127 7.44 2.44 -1.47
N ALA A 128 7.42 3.07 -0.29
CA ALA A 128 6.40 4.05 0.07
C ALA A 128 6.44 5.47 -0.47
N ALA A 129 5.25 6.03 -0.64
CA ALA A 129 5.07 7.41 -1.05
C ALA A 129 5.23 8.09 0.31
N GLY A 130 5.30 9.42 0.35
CA GLY A 130 5.47 10.09 1.62
C GLY A 130 6.43 11.26 1.53
N THR A 131 7.28 11.23 0.52
CA THR A 131 8.23 12.31 0.30
C THR A 131 8.13 12.65 -1.17
N ARG A 132 8.46 13.88 -1.53
CA ARG A 132 8.38 14.28 -2.91
C ARG A 132 9.54 13.75 -3.74
N PHE A 133 9.22 13.20 -4.90
CA PHE A 133 10.21 12.69 -5.82
C PHE A 133 9.65 12.92 -7.21
N ASP A 134 10.52 13.10 -8.20
CA ASP A 134 10.05 13.33 -9.56
C ASP A 134 9.39 12.11 -10.14
N VAL A 135 8.17 12.28 -10.65
CA VAL A 135 7.43 11.18 -11.24
C VAL A 135 8.34 10.40 -12.18
N THR A 136 8.30 9.08 -12.04
CA THR A 136 9.11 8.19 -12.86
C THR A 136 8.30 7.72 -14.05
N GLU A 137 8.98 7.21 -15.07
CA GLU A 137 8.26 6.71 -16.23
C GLU A 137 7.40 5.53 -15.81
N GLY A 138 7.90 4.72 -14.89
CA GLY A 138 7.15 3.56 -14.43
C GLY A 138 5.86 3.94 -13.73
N LEU A 139 5.91 4.95 -12.85
CA LEU A 139 4.71 5.36 -12.14
C LEU A 139 3.70 5.99 -13.08
N ASN A 140 4.17 6.83 -14.01
CA ASN A 140 3.26 7.48 -14.93
C ASN A 140 2.58 6.42 -15.81
N ALA A 141 3.30 5.35 -16.10
CA ALA A 141 2.72 4.27 -16.91
C ALA A 141 1.69 3.51 -16.09
N VAL A 142 2.00 3.28 -14.81
CA VAL A 142 1.08 2.58 -13.94
C VAL A 142 -0.23 3.35 -13.76
N TRP A 143 -0.11 4.61 -13.33
CA TRP A 143 -1.29 5.44 -13.11
C TRP A 143 -2.01 5.79 -14.42
N GLY A 144 -1.29 5.72 -15.54
CA GLY A 144 -1.88 6.04 -16.84
C GLY A 144 -2.37 4.80 -17.58
N TYR A 145 -2.48 3.70 -16.86
CA TYR A 145 -2.94 2.43 -17.44
C TYR A 145 -4.32 2.49 -18.07
N THR A 146 -4.46 1.82 -19.22
CA THR A 146 -5.74 1.67 -19.92
C THR A 146 -5.76 0.15 -20.11
N PRO A 147 -6.94 -0.48 -19.97
CA PRO A 147 -7.09 -1.93 -20.11
C PRO A 147 -6.70 -2.66 -21.40
N SER A 148 -5.95 -3.74 -21.22
CA SER A 148 -5.52 -4.65 -22.28
C SER A 148 -4.57 -5.63 -21.60
N ILE A 149 -4.54 -6.88 -22.06
CA ILE A 149 -3.65 -7.85 -21.45
C ILE A 149 -2.19 -7.47 -21.67
N GLU A 150 -1.89 -6.85 -22.81
CA GLU A 150 -0.52 -6.45 -23.09
C GLU A 150 -0.13 -5.28 -22.18
N ASN A 151 -1.04 -4.34 -21.95
CA ASN A 151 -0.72 -3.23 -21.06
C ASN A 151 -0.50 -3.71 -19.64
N MET A 152 -1.29 -4.70 -19.23
CA MET A 152 -1.16 -5.25 -17.88
C MET A 152 0.14 -6.05 -17.73
N ARG A 153 0.52 -6.77 -18.80
CA ARG A 153 1.74 -7.55 -18.76
C ARG A 153 2.92 -6.59 -18.59
N ASN A 154 2.88 -5.49 -19.32
CA ASN A 154 3.93 -4.50 -19.25
C ASN A 154 3.97 -3.82 -17.88
N LEU A 155 2.79 -3.59 -17.28
CA LEU A 155 2.77 -2.97 -15.95
C LEU A 155 3.40 -3.91 -14.96
N LEU A 156 3.00 -5.18 -15.02
CA LEU A 156 3.54 -6.19 -14.12
C LEU A 156 5.06 -6.28 -14.28
N ASP A 157 5.54 -6.13 -15.52
CA ASP A 157 6.98 -6.16 -15.76
C ASP A 157 7.65 -4.98 -15.08
N ILE A 158 6.96 -3.83 -15.05
CA ILE A 158 7.50 -2.65 -14.41
C ILE A 158 7.68 -2.85 -12.91
N PHE A 159 6.78 -3.63 -12.32
CA PHE A 159 6.84 -3.92 -10.89
C PHE A 159 7.87 -4.98 -10.53
N ALA A 160 8.13 -5.89 -11.46
CA ALA A 160 9.04 -6.99 -11.20
C ALA A 160 10.48 -6.88 -11.68
N TYR A 161 11.37 -7.53 -10.93
CA TYR A 161 12.78 -7.58 -11.29
C TYR A 161 12.89 -8.83 -12.18
N ASP A 162 12.37 -9.94 -11.68
CA ASP A 162 12.40 -11.20 -12.41
C ASP A 162 11.10 -11.35 -13.19
N ARG A 163 11.15 -10.99 -14.47
CA ARG A 163 9.98 -11.06 -15.33
C ARG A 163 9.40 -12.45 -15.56
N SER A 164 10.19 -13.48 -15.26
CA SER A 164 9.71 -14.85 -15.45
C SER A 164 8.48 -15.06 -14.57
N LEU A 165 8.29 -14.18 -13.59
CA LEU A 165 7.16 -14.28 -12.68
C LEU A 165 5.88 -13.71 -13.31
N VAL A 166 6.06 -12.94 -14.38
CA VAL A 166 4.93 -12.35 -15.07
C VAL A 166 4.49 -13.32 -16.18
N THR A 167 3.45 -14.09 -15.90
CA THR A 167 2.94 -15.07 -16.85
C THR A 167 1.71 -14.55 -17.58
N ASP A 168 1.40 -15.15 -18.73
CA ASP A 168 0.23 -14.74 -19.49
C ASP A 168 -1.00 -14.85 -18.59
N GLU A 169 -1.05 -15.90 -17.78
CA GLU A 169 -2.17 -16.13 -16.88
C GLU A 169 -2.32 -15.02 -15.85
N LEU A 170 -1.22 -14.62 -15.23
CA LEU A 170 -1.28 -13.55 -14.24
C LEU A 170 -1.73 -12.25 -14.89
N ALA A 171 -1.19 -11.97 -16.08
CA ALA A 171 -1.56 -10.75 -16.81
C ALA A 171 -3.05 -10.77 -17.14
N ARG A 172 -3.56 -11.95 -17.49
CA ARG A 172 -4.95 -12.14 -17.83
C ARG A 172 -5.85 -11.92 -16.61
N LEU A 173 -5.48 -12.52 -15.48
CA LEU A 173 -6.25 -12.37 -14.25
C LEU A 173 -6.28 -10.94 -13.73
N ARG A 174 -5.15 -10.24 -13.79
CA ARG A 174 -5.13 -8.86 -13.31
C ARG A 174 -5.83 -7.95 -14.31
N TYR A 175 -5.77 -8.29 -15.60
CA TYR A 175 -6.46 -7.50 -16.60
C TYR A 175 -7.96 -7.61 -16.30
N GLU A 176 -8.41 -8.82 -16.03
CA GLU A 176 -9.82 -9.05 -15.71
C GLU A 176 -10.21 -8.30 -14.44
N ALA A 177 -9.32 -8.26 -13.47
CA ALA A 177 -9.61 -7.57 -12.23
C ALA A 177 -9.76 -6.07 -12.52
N SER A 178 -8.92 -5.55 -13.42
CA SER A 178 -8.93 -4.13 -13.77
C SER A 178 -10.16 -3.66 -14.53
N ILE A 179 -10.86 -4.57 -15.21
CA ILE A 179 -12.05 -4.16 -15.95
C ILE A 179 -13.37 -4.47 -15.24
N GLN A 180 -13.31 -4.82 -13.96
CA GLN A 180 -14.55 -5.10 -13.23
C GLN A 180 -15.39 -3.82 -13.25
N PRO A 181 -16.71 -3.95 -13.16
CA PRO A 181 -17.61 -2.78 -13.18
C PRO A 181 -17.15 -1.59 -12.35
N GLY A 182 -16.97 -0.46 -13.02
CA GLY A 182 -16.56 0.76 -12.35
C GLY A 182 -15.10 0.90 -11.92
N PHE A 183 -14.32 -0.18 -12.05
CA PHE A 183 -12.91 -0.11 -11.65
C PHE A 183 -12.05 0.86 -12.45
N GLN A 184 -11.99 0.65 -13.77
CA GLN A 184 -11.18 1.51 -14.63
C GLN A 184 -11.66 2.96 -14.61
N GLU A 185 -12.97 3.14 -14.45
CA GLU A 185 -13.54 4.48 -14.43
C GLU A 185 -13.00 5.27 -13.24
N SER A 186 -13.09 4.71 -12.04
CA SER A 186 -12.60 5.42 -10.87
C SER A 186 -11.07 5.51 -10.87
N PHE A 187 -10.42 4.48 -11.40
CA PHE A 187 -8.96 4.48 -11.44
C PHE A 187 -8.40 5.58 -12.34
N SER A 188 -8.93 5.67 -13.56
CA SER A 188 -8.46 6.67 -14.51
C SER A 188 -8.71 8.10 -14.06
N SER A 189 -9.72 8.31 -13.23
CA SER A 189 -10.01 9.66 -12.74
C SER A 189 -9.35 9.94 -11.40
N MET A 190 -8.67 8.93 -10.86
CA MET A 190 -8.03 9.09 -9.55
C MET A 190 -6.73 9.90 -9.58
N PHE A 191 -5.85 9.58 -10.52
CA PHE A 191 -4.56 10.26 -10.62
C PHE A 191 -4.31 10.85 -12.01
N PRO A 192 -5.20 11.73 -12.48
CA PRO A 192 -5.06 12.34 -13.81
C PRO A 192 -3.86 13.27 -13.99
N GLU A 193 -3.38 13.37 -15.22
CA GLU A 193 -2.24 14.22 -15.58
C GLU A 193 -2.53 15.68 -15.26
N PRO A 194 -1.53 16.43 -14.80
CA PRO A 194 -0.15 16.01 -14.53
C PRO A 194 -0.08 15.22 -13.22
N ARG A 195 0.50 14.04 -13.27
CA ARG A 195 0.55 13.18 -12.09
C ARG A 195 1.52 13.57 -10.97
N GLN A 196 2.43 14.50 -11.25
CA GLN A 196 3.36 14.95 -10.20
C GLN A 196 2.56 15.54 -9.05
N ARG A 197 1.40 16.10 -9.37
CA ARG A 197 0.53 16.71 -8.36
C ARG A 197 0.16 15.73 -7.24
N TRP A 198 -0.10 14.48 -7.63
CA TRP A 198 -0.51 13.47 -6.68
C TRP A 198 0.63 12.95 -5.83
N ILE A 199 1.84 12.92 -6.39
CA ILE A 199 2.98 12.49 -5.60
C ILE A 199 3.18 13.55 -4.52
N ASP A 200 3.07 14.81 -4.92
CA ASP A 200 3.25 15.93 -4.00
C ASP A 200 2.14 15.98 -2.94
N ALA A 201 0.91 15.68 -3.34
CA ALA A 201 -0.22 15.70 -2.41
C ALA A 201 -0.16 14.57 -1.38
N LEU A 202 0.31 13.41 -1.81
CA LEU A 202 0.41 12.25 -0.91
C LEU A 202 1.60 12.33 0.03
N ALA A 203 2.53 13.22 -0.28
CA ALA A 203 3.73 13.40 0.53
C ALA A 203 3.48 14.21 1.79
N SER A 204 4.35 14.03 2.77
CA SER A 204 4.30 14.75 4.03
C SER A 204 5.57 15.58 4.06
N SER A 205 5.56 16.72 4.72
CA SER A 205 6.75 17.58 4.76
C SER A 205 7.89 16.96 5.56
N ASP A 206 9.12 17.33 5.20
CA ASP A 206 10.28 16.83 5.92
C ASP A 206 10.14 17.18 7.40
N GLU A 207 9.64 18.38 7.65
CA GLU A 207 9.46 18.88 9.02
C GLU A 207 8.53 17.98 9.81
N ASP A 208 7.41 17.59 9.22
CA ASP A 208 6.45 16.73 9.88
C ASP A 208 7.00 15.32 10.09
N ILE A 209 7.61 14.77 9.05
CA ILE A 209 8.16 13.42 9.13
C ILE A 209 9.21 13.30 10.25
N LYS A 210 9.99 14.35 10.44
CA LYS A 210 11.02 14.35 11.49
C LYS A 210 10.42 14.25 12.89
N THR A 211 9.14 14.57 13.04
CA THR A 211 8.51 14.51 14.35
C THR A 211 7.98 13.13 14.70
N LEU A 212 7.97 12.21 13.75
CA LEU A 212 7.47 10.85 14.00
C LEU A 212 8.30 10.14 15.07
N PRO A 213 7.64 9.64 16.12
CA PRO A 213 8.34 8.95 17.20
C PRO A 213 8.30 7.43 17.06
N ASN A 214 7.54 6.95 16.08
CA ASN A 214 7.37 5.52 15.84
C ASN A 214 8.59 4.74 15.36
N GLU A 215 8.79 3.55 15.91
CA GLU A 215 9.87 2.67 15.45
C GLU A 215 9.40 2.38 14.03
N THR A 216 10.29 2.55 13.06
CA THR A 216 9.91 2.35 11.67
C THR A 216 10.89 1.47 10.91
N LEU A 217 10.35 0.65 10.01
CA LEU A 217 11.14 -0.24 9.17
C LEU A 217 10.84 0.13 7.72
N ILE A 218 11.84 0.68 7.04
CA ILE A 218 11.70 1.09 5.66
C ILE A 218 12.27 0.00 4.75
N ILE A 219 11.46 -0.47 3.82
CA ILE A 219 11.87 -1.53 2.90
C ILE A 219 11.75 -1.07 1.45
N HIS A 220 12.72 -1.44 0.62
CA HIS A 220 12.72 -1.03 -0.78
C HIS A 220 13.45 -2.03 -1.65
N GLY A 221 13.07 -2.09 -2.93
CA GLY A 221 13.73 -2.98 -3.87
C GLY A 221 14.71 -2.15 -4.67
N ARG A 222 15.98 -2.56 -4.70
CA ARG A 222 16.99 -1.80 -5.42
C ARG A 222 16.54 -1.39 -6.83
N GLU A 223 15.97 -2.34 -7.55
CA GLU A 223 15.53 -2.13 -8.92
C GLU A 223 14.11 -1.58 -9.10
N ASP A 224 13.50 -1.09 -8.02
CA ASP A 224 12.15 -0.55 -8.08
C ASP A 224 12.06 0.50 -9.18
N GLN A 225 11.19 0.26 -10.16
CA GLN A 225 11.00 1.15 -11.29
C GLN A 225 9.86 2.16 -11.10
N VAL A 226 9.07 1.96 -10.05
CA VAL A 226 7.94 2.83 -9.78
C VAL A 226 8.29 3.96 -8.82
N VAL A 227 8.77 3.60 -7.63
CA VAL A 227 9.19 4.57 -6.64
C VAL A 227 10.71 4.39 -6.52
N PRO A 228 11.48 5.46 -6.76
CA PRO A 228 12.94 5.36 -6.68
C PRO A 228 13.50 5.04 -5.30
N LEU A 229 14.56 4.25 -5.26
CA LEU A 229 15.20 3.90 -4.00
C LEU A 229 15.55 5.18 -3.25
N SER A 230 15.93 6.22 -4.00
CA SER A 230 16.30 7.50 -3.40
C SER A 230 15.21 8.04 -2.47
N SER A 231 13.95 7.71 -2.76
CA SER A 231 12.85 8.15 -1.93
C SER A 231 12.93 7.54 -0.53
N SER A 232 13.23 6.24 -0.46
CA SER A 232 13.35 5.56 0.84
C SER A 232 14.62 5.98 1.57
N LEU A 233 15.67 6.30 0.83
CA LEU A 233 16.92 6.74 1.45
C LEU A 233 16.62 8.05 2.17
N ARG A 234 15.78 8.87 1.56
CA ARG A 234 15.42 10.16 2.14
C ARG A 234 14.55 9.97 3.40
N LEU A 235 13.59 9.04 3.32
CA LEU A 235 12.75 8.77 4.48
C LEU A 235 13.66 8.30 5.62
N GLY A 236 14.67 7.51 5.26
CA GLY A 236 15.59 6.99 6.25
C GLY A 236 16.46 8.04 6.90
N GLU A 237 16.62 9.19 6.24
CA GLU A 237 17.42 10.28 6.81
C GLU A 237 16.51 11.13 7.71
N LEU A 238 15.21 11.07 7.45
CA LEU A 238 14.24 11.86 8.19
C LEU A 238 13.62 11.22 9.44
N ILE A 239 13.31 9.93 9.38
CA ILE A 239 12.70 9.25 10.52
C ILE A 239 13.77 8.82 11.54
N ASP A 240 13.63 9.32 12.76
CA ASP A 240 14.60 9.03 13.82
C ASP A 240 14.78 7.56 14.16
N ARG A 241 13.74 6.90 14.69
CA ARG A 241 13.83 5.49 15.05
C ARG A 241 13.55 4.60 13.85
N ALA A 242 14.41 4.68 12.85
CA ALA A 242 14.21 3.90 11.64
C ALA A 242 15.33 2.96 11.27
N GLN A 243 14.98 1.96 10.46
CA GLN A 243 15.91 1.00 9.94
C GLN A 243 15.55 0.98 8.46
N LEU A 244 16.53 0.70 7.62
CA LEU A 244 16.30 0.64 6.19
C LEU A 244 16.80 -0.71 5.71
N HIS A 245 15.97 -1.40 4.93
CA HIS A 245 16.39 -2.68 4.37
C HIS A 245 16.13 -2.64 2.88
N VAL A 246 17.18 -2.75 2.09
CA VAL A 246 17.05 -2.73 0.65
C VAL A 246 17.41 -4.09 0.06
N PHE A 247 16.48 -4.68 -0.70
CA PHE A 247 16.71 -5.98 -1.33
C PHE A 247 17.26 -5.80 -2.72
N GLY A 248 18.39 -6.44 -3.01
CA GLY A 248 18.96 -6.37 -4.33
C GLY A 248 18.20 -7.38 -5.17
N ARG A 249 18.22 -7.23 -6.49
CA ARG A 249 17.50 -8.15 -7.37
C ARG A 249 16.03 -8.22 -6.92
N CYS A 250 15.43 -7.05 -6.76
CA CYS A 250 14.04 -6.98 -6.33
C CYS A 250 13.43 -5.68 -6.84
N GLY A 251 12.24 -5.78 -7.39
CA GLY A 251 11.57 -4.60 -7.88
C GLY A 251 10.65 -4.00 -6.83
N HIS A 252 9.54 -3.45 -7.27
CA HIS A 252 8.57 -2.83 -6.37
C HIS A 252 7.89 -3.89 -5.48
N TRP A 253 7.58 -5.05 -6.07
CA TRP A 253 6.93 -6.17 -5.39
C TRP A 253 7.74 -6.85 -4.28
N THR A 254 8.31 -6.11 -3.33
CA THR A 254 9.12 -6.78 -2.31
C THR A 254 8.41 -7.91 -1.56
N GLN A 255 7.14 -7.71 -1.17
CA GLN A 255 6.40 -8.73 -0.43
C GLN A 255 6.11 -9.95 -1.30
N ILE A 256 6.22 -9.77 -2.62
CA ILE A 256 5.97 -10.85 -3.57
C ILE A 256 7.26 -11.50 -4.07
N GLU A 257 8.28 -10.69 -4.36
CA GLU A 257 9.54 -11.23 -4.86
C GLU A 257 10.54 -11.70 -3.80
N GLN A 258 10.41 -11.18 -2.59
CA GLN A 258 11.29 -11.57 -1.49
C GLN A 258 10.40 -11.92 -0.30
N THR A 259 9.32 -12.63 -0.60
CA THR A 259 8.32 -13.02 0.39
C THR A 259 8.83 -13.51 1.75
N ASP A 260 9.59 -14.59 1.77
CA ASP A 260 10.09 -15.12 3.04
C ASP A 260 10.97 -14.14 3.81
N ARG A 261 11.89 -13.47 3.13
CA ARG A 261 12.76 -12.50 3.78
C ARG A 261 11.94 -11.33 4.33
N PHE A 262 10.95 -10.89 3.55
CA PHE A 262 10.08 -9.79 3.94
C PHE A 262 9.25 -10.16 5.16
N ASN A 263 8.61 -11.32 5.10
CA ASN A 263 7.77 -11.77 6.20
C ASN A 263 8.55 -11.93 7.50
N ARG A 264 9.74 -12.51 7.41
CA ARG A 264 10.58 -12.71 8.60
C ARG A 264 10.97 -11.38 9.24
N LEU A 265 11.41 -10.44 8.42
CA LEU A 265 11.83 -9.13 8.89
C LEU A 265 10.69 -8.39 9.59
N VAL A 266 9.52 -8.41 8.97
CA VAL A 266 8.36 -7.73 9.50
C VAL A 266 7.86 -8.34 10.81
N VAL A 267 7.76 -9.66 10.85
CA VAL A 267 7.29 -10.34 12.06
C VAL A 267 8.25 -10.10 13.24
N GLU A 268 9.54 -10.20 12.97
CA GLU A 268 10.53 -9.99 14.02
C GLU A 268 10.53 -8.53 14.47
N PHE A 269 10.31 -7.62 13.52
CA PHE A 269 10.25 -6.20 13.80
C PHE A 269 9.11 -5.96 14.80
N PHE A 270 7.94 -6.54 14.51
CA PHE A 270 6.79 -6.37 15.40
C PHE A 270 6.99 -7.14 16.72
N ASN A 271 7.66 -8.29 16.65
CA ASN A 271 7.90 -9.10 17.85
C ASN A 271 8.69 -8.32 18.91
N GLU A 272 9.51 -7.37 18.48
CA GLU A 272 10.31 -6.58 19.41
C GLU A 272 9.45 -5.80 20.39
N ALA A 273 8.26 -5.40 19.94
CA ALA A 273 7.34 -4.64 20.77
C ALA A 273 6.82 -5.49 21.92
#